data_6YKG
#
_entry.id   6YKG
#
_cell.length_a   79.864
_cell.length_b   168.115
_cell.length_c   61.692
_cell.angle_alpha   90.000
_cell.angle_beta   90.000
_cell.angle_gamma   90.000
#
_symmetry.space_group_name_H-M   'P 21 21 2'
#
loop_
_entity.id
_entity.type
_entity.pdbx_description
1 polymer 'Phosphatidylinositol 3-kinase catalytic subunit type 3'
2 non-polymer 4-morpholin-4-yl-6-[(2~{R})-2-(phenylmethyl)pyrrolidin-1-yl]-1~{H}-pyridin-2-one
3 water water
#
_entity_poly.entity_id   1
_entity_poly.type   'polypeptide(L)'
_entity_poly.pdbx_seq_one_letter_code
;MHHHHHHSSGVDLGTENLYFQSMSKHHKLARSLRSGPSDHDLKPNAATRDQLNIIVSYPPTKQLTYEEQDLVWKFRYYLT
NQEKALTKFLKCVNWDLPQEAKQALELLGKWKPMDVEDSLELLSSHYTNPTVRRYAVARLRQADDEDLLMYLLQLVQALK
YENFDDIKNGLEPTKKDSQSSVSENVSNSGINSAEIDSSQIITSPLPSVSSPPPASKTKEVPDGENLEQDLCTFLISRAC
KNSTLANYLYWYVIVECEDQDTQQRDPKTHEMYLNVMRRFSQALLKGDKSVRVMRSLLAAQQTFVDRLVHLMKAVQRESG
NRKKKNERLQALLGDNEKMNLSDVELIPLPLEPQVKIRGIIPETATLAKSANMPAQLFFKTEDGGKYPVLFKHGDDLRQD
QLILQIISLMDKLLRKENLDLKLTPYKVLATSTKHGFLQWIQGSVPVAEVLDTEGSIQNFFRKYAPSENGPNGISAEVMD
TYVKSCAGYCVITYILGVGDRHLDNLLLTKTGKLFHIDFGYILGRDPKPLPPPMKLNKEMVEGMGGTQSEQYQEFRKQCY
TAFLHLRRYSNLILNLFSLMVDANIPDIALEPDKTVKKVQDKFRLDLSDEEAVHYMQSLIDESVHALFAAVVEQIH
;
_entity_poly.pdbx_strand_id   AAA
#
loop_
_chem_comp.id
_chem_comp.type
_chem_comp.name
_chem_comp.formula
OZ8 non-polymer 4-morpholin-4-yl-6-[(2~{R})-2-(phenylmethyl)pyrrolidin-1-yl]-1~{H}-pyridin-2-one 'C20 H25 N3 O2'
#
# COMPACT_ATOMS: atom_id res chain seq x y z
N HIS A 27 -32.44 4.06 26.37
CA HIS A 27 -31.62 4.18 25.12
C HIS A 27 -32.35 4.89 23.99
N LYS A 28 -33.55 4.41 23.66
CA LYS A 28 -34.31 4.88 22.48
C LYS A 28 -34.66 6.38 22.45
N LEU A 29 -34.61 7.05 23.60
CA LEU A 29 -34.68 8.52 23.65
C LEU A 29 -33.40 9.06 23.00
N ALA A 30 -33.57 9.87 21.95
CA ALA A 30 -32.45 10.31 21.11
C ALA A 30 -31.40 11.14 21.87
N ARG A 31 -30.16 11.13 21.36
CA ARG A 31 -29.02 11.75 22.04
C ARG A 31 -29.13 13.27 22.19
N SER A 32 -29.73 13.94 21.20
CA SER A 32 -30.02 15.37 21.33
C SER A 32 -31.29 15.60 22.17
N LEU A 33 -32.16 14.59 22.27
CA LEU A 33 -33.29 14.61 23.23
C LEU A 33 -32.83 14.47 24.70
N ARG A 34 -31.62 13.96 24.93
CA ARG A 34 -31.03 13.83 26.28
C ARG A 34 -30.05 14.93 26.69
N SER A 35 -29.75 15.87 25.79
CA SER A 35 -28.84 16.98 26.08
C SER A 35 -28.63 17.87 24.85
N GLY A 36 -28.86 19.18 24.99
CA GLY A 36 -28.40 20.18 23.99
C GLY A 36 -29.33 21.30 23.54
N PRO A 37 -28.84 22.55 23.41
CA PRO A 37 -27.49 23.02 23.84
C PRO A 37 -27.46 23.80 25.19
N SER A 38 -28.24 23.36 26.19
CA SER A 38 -28.27 23.99 27.53
C SER A 38 -27.01 23.67 28.39
N ASP A 39 -26.24 22.67 27.98
CA ASP A 39 -24.91 22.40 28.53
C ASP A 39 -23.84 22.33 27.43
N HIS A 40 -23.86 23.34 26.57
CA HIS A 40 -22.67 23.75 25.79
C HIS A 40 -21.63 24.37 26.73
N ASP A 41 -22.07 24.77 27.92
CA ASP A 41 -21.22 25.30 28.97
C ASP A 41 -20.52 24.22 29.83
N LEU A 42 -20.57 22.94 29.42
CA LEU A 42 -19.99 21.85 30.22
C LEU A 42 -18.46 21.77 30.10
N LYS A 43 -17.81 21.36 31.19
CA LYS A 43 -16.42 20.90 31.19
C LYS A 43 -16.36 19.60 32.00
N PRO A 44 -15.68 18.56 31.49
CA PRO A 44 -15.56 17.31 32.26
C PRO A 44 -14.56 17.43 33.39
N ASN A 45 -14.83 16.75 34.49
CA ASN A 45 -13.90 16.67 35.62
C ASN A 45 -12.71 15.76 35.32
N ALA A 46 -11.70 15.80 36.19
CA ALA A 46 -10.43 15.07 36.01
C ALA A 46 -10.59 13.59 35.68
N ALA A 47 -11.51 12.91 36.37
CA ALA A 47 -11.76 11.48 36.14
C ALA A 47 -12.37 11.20 34.77
N THR A 48 -13.29 12.06 34.33
CA THR A 48 -13.95 11.92 33.03
C THR A 48 -12.99 12.19 31.87
N ARG A 49 -12.19 13.24 31.98
CA ARG A 49 -11.17 13.58 30.97
C ARG A 49 -10.26 12.41 30.58
N ASP A 50 -9.95 11.54 31.55
CA ASP A 50 -9.23 10.29 31.28
C ASP A 50 -10.05 9.31 30.44
N GLN A 51 -11.33 9.15 30.80
CA GLN A 51 -12.23 8.21 30.10
C GLN A 51 -12.41 8.59 28.63
N LEU A 52 -12.45 9.89 28.36
CA LEU A 52 -12.55 10.40 26.99
C LEU A 52 -11.27 10.15 26.20
N ASN A 53 -10.13 10.69 26.67
CA ASN A 53 -8.82 10.50 26.01
C ASN A 53 -8.49 9.05 25.64
N ILE A 54 -8.93 8.11 26.48
CA ILE A 54 -8.88 6.67 26.16
C ILE A 54 -9.79 6.37 24.96
N ILE A 55 -11.05 6.80 25.03
CA ILE A 55 -12.05 6.55 23.97
C ILE A 55 -11.69 7.21 22.63
N VAL A 56 -11.22 8.46 22.69
CA VAL A 56 -10.90 9.26 21.49
C VAL A 56 -9.74 8.68 20.68
N SER A 57 -8.61 8.44 21.35
CA SER A 57 -7.43 7.84 20.70
C SER A 57 -7.48 6.29 20.72
N TYR A 58 -8.69 5.72 20.68
CA TYR A 58 -8.86 4.34 20.27
C TYR A 58 -8.55 4.20 18.80
N PRO A 59 -8.15 2.99 18.37
CA PRO A 59 -8.04 2.74 16.92
C PRO A 59 -9.38 2.89 16.14
N PRO A 60 -9.30 3.13 14.82
CA PRO A 60 -10.45 3.59 14.04
C PRO A 60 -11.41 2.54 13.42
N THR A 61 -11.31 1.27 13.83
CA THR A 61 -12.44 0.32 13.63
C THR A 61 -12.85 -0.41 14.93
N LYS A 62 -12.14 -0.14 16.03
CA LYS A 62 -12.61 -0.40 17.40
C LYS A 62 -14.03 0.16 17.60
N GLN A 63 -15.01 -0.74 17.70
CA GLN A 63 -16.40 -0.35 17.93
C GLN A 63 -16.57 0.27 19.33
N LEU A 64 -17.41 1.29 19.42
CA LEU A 64 -17.71 1.98 20.67
C LEU A 64 -19.05 1.47 21.23
N THR A 65 -19.12 1.32 22.55
CA THR A 65 -20.36 0.93 23.24
C THR A 65 -21.33 2.09 23.32
N TYR A 66 -22.59 1.77 23.62
CA TYR A 66 -23.65 2.77 23.74
C TYR A 66 -23.34 3.75 24.87
N GLU A 67 -22.73 3.24 25.93
CA GLU A 67 -22.26 4.06 27.05
C GLU A 67 -21.21 5.07 26.60
N GLU A 68 -20.26 4.62 25.78
CA GLU A 68 -19.18 5.48 25.27
C GLU A 68 -19.64 6.45 24.14
N GLN A 69 -20.54 6.00 23.27
CA GLN A 69 -21.17 6.90 22.28
C GLN A 69 -22.01 7.99 22.96
N ASP A 70 -22.71 7.63 24.03
CA ASP A 70 -23.44 8.59 24.89
C ASP A 70 -22.48 9.60 25.54
N LEU A 71 -21.36 9.10 26.05
CA LEU A 71 -20.35 9.91 26.74
C LEU A 71 -19.69 10.94 25.82
N VAL A 72 -19.35 10.52 24.61
CA VAL A 72 -18.74 11.40 23.58
C VAL A 72 -19.72 12.49 23.17
N TRP A 73 -21.01 12.15 23.06
CA TRP A 73 -22.06 13.14 22.80
C TRP A 73 -22.20 14.12 23.96
N LYS A 74 -22.16 13.61 25.19
CA LYS A 74 -22.29 14.45 26.39
C LYS A 74 -21.25 15.58 26.42
N PHE A 75 -20.00 15.24 26.15
CA PHE A 75 -18.91 16.24 26.16
C PHE A 75 -18.47 16.62 24.76
N ARG A 76 -19.45 16.73 23.85
CA ARG A 76 -19.18 17.09 22.45
C ARG A 76 -18.64 18.53 22.31
N TYR A 77 -19.15 19.45 23.13
CA TYR A 77 -18.66 20.83 23.14
C TYR A 77 -17.26 20.96 23.76
N TYR A 78 -16.89 20.05 24.66
CA TYR A 78 -15.50 19.96 25.15
C TYR A 78 -14.57 19.44 24.06
N LEU A 79 -15.00 18.37 23.39
CA LEU A 79 -14.18 17.68 22.38
C LEU A 79 -13.91 18.46 21.09
N THR A 80 -14.56 19.61 20.89
CA THR A 80 -14.27 20.47 19.73
C THR A 80 -12.84 21.02 19.69
N ASN A 81 -12.11 20.93 20.81
CA ASN A 81 -10.67 21.28 20.86
C ASN A 81 -9.73 20.05 20.93
N GLN A 82 -10.16 18.92 20.38
CA GLN A 82 -9.27 17.76 20.17
C GLN A 82 -9.57 17.14 18.80
N GLU A 83 -8.81 17.55 17.78
CA GLU A 83 -9.11 17.20 16.40
C GLU A 83 -9.18 15.70 16.16
N LYS A 84 -8.33 14.96 16.88
CA LYS A 84 -8.40 13.50 17.00
C LYS A 84 -9.84 12.97 17.14
N ALA A 85 -10.61 13.62 18.01
CA ALA A 85 -11.94 13.13 18.45
C ALA A 85 -13.07 13.23 17.44
N LEU A 86 -12.95 14.12 16.46
CA LEU A 86 -14.03 14.39 15.50
C LEU A 86 -14.55 13.13 14.81
N THR A 87 -13.64 12.25 14.39
CA THR A 87 -14.01 10.98 13.75
C THR A 87 -14.89 10.09 14.64
N LYS A 88 -14.64 10.11 15.95
CA LYS A 88 -15.44 9.35 16.92
C LYS A 88 -16.85 9.91 17.03
N PHE A 89 -16.95 11.20 17.31
CA PHE A 89 -18.23 11.93 17.47
C PHE A 89 -19.28 11.63 16.38
N LEU A 90 -18.84 11.64 15.13
CA LEU A 90 -19.74 11.56 13.99
C LEU A 90 -20.41 10.18 13.83
N LYS A 91 -19.84 9.14 14.43
CA LYS A 91 -20.52 7.84 14.52
C LYS A 91 -21.71 7.87 15.49
N CYS A 92 -21.57 8.64 16.56
CA CYS A 92 -22.61 8.79 17.59
C CYS A 92 -23.81 9.64 17.16
N VAL A 93 -23.68 10.36 16.05
CA VAL A 93 -24.80 11.12 15.49
C VAL A 93 -25.72 10.10 14.84
N ASN A 94 -27.02 10.19 15.13
CA ASN A 94 -28.04 9.50 14.34
C ASN A 94 -28.58 10.47 13.29
N TRP A 95 -28.30 10.14 12.03
CA TRP A 95 -28.52 11.04 10.90
C TRP A 95 -29.99 11.09 10.44
N ASP A 96 -30.77 10.07 10.78
CA ASP A 96 -32.21 10.03 10.44
C ASP A 96 -32.97 11.12 11.19
N LEU A 97 -32.61 11.33 12.46
CA LEU A 97 -33.10 12.45 13.26
C LEU A 97 -32.49 13.75 12.75
N PRO A 98 -33.32 14.63 12.13
CA PRO A 98 -32.79 15.94 11.71
C PRO A 98 -32.55 16.92 12.85
N GLN A 99 -33.13 16.65 14.04
CA GLN A 99 -32.78 17.38 15.25
C GLN A 99 -31.30 17.15 15.58
N GLU A 100 -30.88 15.88 15.63
CA GLU A 100 -29.47 15.52 15.89
C GLU A 100 -28.57 16.04 14.77
N ALA A 101 -28.87 15.60 13.54
CA ALA A 101 -28.05 15.87 12.36
C ALA A 101 -27.74 17.35 12.09
N LYS A 102 -28.71 18.24 12.37
CA LYS A 102 -28.50 19.69 12.19
C LYS A 102 -27.54 20.28 13.23
N GLN A 103 -27.57 19.76 14.46
CA GLN A 103 -26.64 20.20 15.51
C GLN A 103 -25.25 19.57 15.30
N ALA A 104 -25.24 18.27 14.98
CA ALA A 104 -23.99 17.54 14.69
C ALA A 104 -23.13 18.26 13.68
N LEU A 105 -23.74 18.60 12.55
CA LEU A 105 -23.05 19.31 11.46
C LEU A 105 -22.75 20.78 11.79
N GLU A 106 -23.48 21.37 12.74
CA GLU A 106 -23.09 22.68 13.29
C GLU A 106 -21.81 22.55 14.12
N LEU A 107 -21.69 21.47 14.88
CA LEU A 107 -20.46 21.19 15.64
C LEU A 107 -19.27 20.85 14.75
N LEU A 108 -19.55 20.24 13.59
CA LEU A 108 -18.53 19.96 12.56
C LEU A 108 -17.82 21.24 12.05
N GLY A 109 -18.51 22.38 12.05
CA GLY A 109 -17.91 23.68 11.70
C GLY A 109 -17.16 24.35 12.85
N LYS A 110 -17.67 24.19 14.08
CA LYS A 110 -17.04 24.73 15.30
C LYS A 110 -15.85 23.89 15.80
N TRP A 111 -15.70 22.67 15.27
CA TRP A 111 -14.64 21.73 15.67
C TRP A 111 -13.27 22.18 15.15
N LYS A 112 -12.22 21.76 15.85
CA LYS A 112 -10.86 21.93 15.36
C LYS A 112 -10.71 21.06 14.13
N PRO A 113 -10.21 21.63 13.01
CA PRO A 113 -10.06 20.80 11.81
C PRO A 113 -9.04 19.67 12.02
N MET A 114 -9.36 18.49 11.50
CA MET A 114 -8.52 17.30 11.66
C MET A 114 -7.37 17.29 10.68
N ASP A 115 -6.35 16.49 10.99
CA ASP A 115 -5.20 16.29 10.10
C ASP A 115 -5.60 15.40 8.91
N VAL A 116 -4.78 15.44 7.86
CA VAL A 116 -5.03 14.66 6.64
C VAL A 116 -4.85 13.17 6.94
N GLU A 117 -3.79 12.84 7.68
CA GLU A 117 -3.61 11.50 8.25
C GLU A 117 -4.95 10.88 8.71
N ASP A 118 -5.76 11.66 9.43
CA ASP A 118 -7.04 11.20 9.98
C ASP A 118 -8.20 11.19 8.97
N SER A 119 -8.25 12.16 8.07
CA SER A 119 -9.40 12.34 7.15
C SER A 119 -9.76 11.12 6.29
N LEU A 120 -8.78 10.26 6.04
CA LEU A 120 -8.99 8.96 5.37
C LEU A 120 -10.06 8.08 6.04
N GLU A 121 -10.25 8.25 7.36
CA GLU A 121 -11.27 7.52 8.10
C GLU A 121 -12.68 7.91 7.68
N LEU A 122 -12.91 9.21 7.52
CA LEU A 122 -14.23 9.73 7.10
C LEU A 122 -14.67 9.23 5.72
N LEU A 123 -13.72 9.01 4.83
CA LEU A 123 -14.04 8.48 3.50
C LEU A 123 -14.31 6.96 3.44
N SER A 124 -14.17 6.24 4.55
CA SER A 124 -14.43 4.79 4.58
C SER A 124 -15.92 4.47 4.53
N SER A 125 -16.24 3.18 4.48
CA SER A 125 -17.63 2.70 4.42
C SER A 125 -18.52 3.15 5.59
N HIS A 126 -17.93 3.50 6.72
CA HIS A 126 -18.69 3.77 7.95
C HIS A 126 -19.48 5.10 7.95
N TYR A 127 -19.04 6.10 7.17
CA TYR A 127 -19.68 7.43 7.14
C TYR A 127 -20.33 7.71 5.78
N THR A 128 -21.66 7.91 5.76
CA THR A 128 -22.43 8.12 4.52
C THR A 128 -22.96 9.55 4.30
N ASN A 129 -22.86 10.43 5.28
CA ASN A 129 -23.40 11.79 5.13
C ASN A 129 -22.61 12.59 4.08
N PRO A 130 -23.31 13.15 3.07
CA PRO A 130 -22.66 13.95 2.02
C PRO A 130 -21.72 15.05 2.54
N THR A 131 -22.15 15.80 3.55
CA THR A 131 -21.34 16.88 4.11
C THR A 131 -20.07 16.37 4.76
N VAL A 132 -20.18 15.26 5.50
CA VAL A 132 -19.04 14.65 6.16
C VAL A 132 -17.98 14.24 5.13
N ARG A 133 -18.45 13.64 4.04
CA ARG A 133 -17.56 13.17 2.98
C ARG A 133 -16.96 14.30 2.13
N ARG A 134 -17.72 15.36 1.89
CA ARG A 134 -17.20 16.55 1.21
C ARG A 134 -16.21 17.26 2.11
N TYR A 135 -16.50 17.28 3.41
CA TYR A 135 -15.59 17.86 4.40
C TYR A 135 -14.23 17.13 4.40
N ALA A 136 -14.27 15.79 4.33
CA ALA A 136 -13.06 14.96 4.25
C ALA A 136 -12.21 15.34 3.03
N VAL A 137 -12.87 15.50 1.89
CA VAL A 137 -12.21 15.92 0.65
C VAL A 137 -11.58 17.32 0.78
N ALA A 138 -12.24 18.23 1.49
CA ALA A 138 -11.68 19.55 1.77
C ALA A 138 -10.42 19.47 2.63
N ARG A 139 -10.37 18.48 3.52
CA ARG A 139 -9.20 18.23 4.36
C ARG A 139 -8.07 17.58 3.55
N LEU A 140 -8.43 16.62 2.68
CA LEU A 140 -7.47 16.03 1.75
C LEU A 140 -6.82 17.09 0.87
N ARG A 141 -7.62 18.06 0.40
CA ARG A 141 -7.09 19.10 -0.49
C ARG A 141 -6.01 19.98 0.17
N GLN A 142 -5.85 19.89 1.50
CA GLN A 142 -4.70 20.49 2.18
C GLN A 142 -3.38 19.72 1.95
N ALA A 143 -3.47 18.42 1.62
CA ALA A 143 -2.29 17.57 1.43
C ALA A 143 -1.64 17.80 0.08
N ASP A 144 -0.30 17.80 0.05
CA ASP A 144 0.45 17.91 -1.21
C ASP A 144 0.58 16.54 -1.86
N ASP A 145 0.84 16.55 -3.17
CA ASP A 145 0.72 15.36 -4.03
C ASP A 145 1.61 14.18 -3.60
N GLU A 146 2.74 14.47 -2.94
CA GLU A 146 3.66 13.42 -2.47
C GLU A 146 3.02 12.56 -1.38
N ASP A 147 2.27 13.20 -0.49
CA ASP A 147 1.51 12.47 0.52
C ASP A 147 0.31 11.80 -0.12
N LEU A 148 -0.37 12.54 -0.97
CA LEU A 148 -1.60 12.09 -1.63
C LEU A 148 -1.38 10.84 -2.47
N LEU A 149 -0.21 10.74 -3.08
CA LEU A 149 0.18 9.55 -3.84
C LEU A 149 0.25 8.32 -2.96
N MET A 150 0.91 8.45 -1.81
CA MET A 150 1.01 7.34 -0.85
C MET A 150 -0.35 6.76 -0.41
N TYR A 151 -1.43 7.55 -0.49
CA TYR A 151 -2.80 7.08 -0.18
C TYR A 151 -3.69 6.80 -1.42
N LEU A 152 -3.17 6.98 -2.63
CA LEU A 152 -4.03 6.98 -3.83
C LEU A 152 -4.75 5.65 -4.05
N LEU A 153 -4.06 4.54 -3.81
CA LEU A 153 -4.65 3.21 -3.94
C LEU A 153 -5.90 3.05 -3.10
N GLN A 154 -5.85 3.57 -1.88
CA GLN A 154 -6.96 3.50 -0.94
C GLN A 154 -8.08 4.47 -1.30
N LEU A 155 -7.72 5.65 -1.78
CA LEU A 155 -8.70 6.65 -2.20
C LEU A 155 -9.49 6.23 -3.45
N VAL A 156 -8.94 5.31 -4.26
CA VAL A 156 -9.66 4.71 -5.38
C VAL A 156 -10.69 3.69 -4.85
N GLN A 157 -10.36 2.99 -3.76
CA GLN A 157 -11.34 2.13 -3.06
C GLN A 157 -12.46 2.95 -2.47
N ALA A 158 -12.10 4.11 -1.92
CA ALA A 158 -13.04 5.03 -1.31
C ALA A 158 -14.14 5.55 -2.24
N LEU A 159 -13.92 5.51 -3.56
CA LEU A 159 -14.96 5.83 -4.53
C LEU A 159 -16.21 4.96 -4.39
N LYS A 160 -16.04 3.68 -4.01
CA LYS A 160 -17.15 2.73 -3.77
C LYS A 160 -18.22 3.23 -2.79
N TYR A 161 -17.82 4.09 -1.85
CA TYR A 161 -18.70 4.64 -0.85
C TYR A 161 -19.17 6.05 -1.22
N GLU A 162 -18.99 6.46 -2.48
CA GLU A 162 -19.39 7.80 -2.93
C GLU A 162 -20.77 7.73 -3.57
N ASN A 163 -21.31 8.91 -3.89
CA ASN A 163 -22.59 9.02 -4.55
C ASN A 163 -22.46 8.65 -6.02
N PHE A 164 -22.95 7.46 -6.37
CA PHE A 164 -22.84 6.95 -7.74
C PHE A 164 -23.60 7.80 -8.77
N ASP A 165 -24.71 8.40 -8.33
CA ASP A 165 -25.54 9.27 -9.20
C ASP A 165 -24.81 10.55 -9.58
N ASP A 166 -24.08 11.14 -8.63
CA ASP A 166 -23.34 12.38 -8.87
C ASP A 166 -22.11 12.19 -9.73
N ILE A 167 -21.45 11.04 -9.56
CA ILE A 167 -20.32 10.64 -10.41
C ILE A 167 -20.78 10.50 -11.88
N LYS A 168 -21.93 9.86 -12.09
CA LYS A 168 -22.53 9.75 -13.43
C LYS A 168 -22.86 11.12 -14.03
N ASN A 169 -23.44 12.01 -13.22
CA ASN A 169 -23.90 13.33 -13.69
C ASN A 169 -22.83 14.37 -14.02
N GLY A 170 -21.55 14.04 -13.82
CA GLY A 170 -20.47 14.89 -14.29
C GLY A 170 -20.25 14.92 -15.81
N LEU A 171 -20.90 14.03 -16.56
CA LEU A 171 -20.59 13.84 -17.99
C LEU A 171 -21.09 14.97 -18.95
N GLU A 172 -20.42 15.09 -20.10
CA GLU A 172 -20.56 16.24 -21.00
C GLU A 172 -20.05 15.92 -22.41
N ILE A 196 -18.77 -1.12 -23.41
CA ILE A 196 -17.61 -0.26 -23.14
C ILE A 196 -16.48 -1.07 -22.51
N ASP A 197 -15.40 -1.24 -23.26
CA ASP A 197 -14.15 -1.80 -22.77
C ASP A 197 -13.41 -0.65 -22.07
N SER A 198 -12.86 -0.93 -20.89
CA SER A 198 -12.09 0.09 -20.14
C SER A 198 -10.75 0.44 -20.79
N SER A 199 -10.08 -0.57 -21.38
CA SER A 199 -8.80 -0.35 -22.07
C SER A 199 -8.91 0.45 -23.38
N GLN A 200 -10.15 0.75 -23.82
CA GLN A 200 -10.42 1.55 -25.04
C GLN A 200 -10.84 3.00 -24.76
N ILE A 201 -11.26 3.30 -23.54
CA ILE A 201 -11.77 4.64 -23.19
C ILE A 201 -10.76 5.71 -23.56
N ILE A 202 -9.54 5.56 -23.04
CA ILE A 202 -8.47 6.57 -23.21
C ILE A 202 -7.94 6.63 -24.65
N THR A 203 -8.01 5.51 -25.36
CA THR A 203 -7.53 5.41 -26.75
C THR A 203 -8.60 5.75 -27.81
N SER A 204 -9.81 6.08 -27.36
CA SER A 204 -10.92 6.40 -28.24
C SER A 204 -11.48 7.80 -27.94
N PRO A 205 -10.73 8.84 -28.31
CA PRO A 205 -11.27 10.21 -28.17
C PRO A 205 -12.47 10.50 -29.12
N LEU A 206 -13.12 11.64 -28.94
CA LEU A 206 -14.34 11.97 -29.68
C LEU A 206 -14.23 13.21 -30.59
N PRO A 207 -14.45 13.04 -31.92
CA PRO A 207 -14.51 14.22 -32.81
C PRO A 207 -15.85 14.95 -32.71
N GLU A 228 -17.04 22.89 -2.83
CA GLU A 228 -17.28 21.54 -2.34
C GLU A 228 -17.16 20.53 -3.49
N GLN A 229 -15.99 19.91 -3.62
CA GLN A 229 -15.77 18.79 -4.54
C GLN A 229 -16.12 17.48 -3.84
N ASP A 230 -16.75 16.54 -4.56
CA ASP A 230 -16.83 15.16 -4.08
C ASP A 230 -15.50 14.48 -4.42
N LEU A 231 -15.31 13.25 -3.95
CA LEU A 231 -14.02 12.54 -4.11
C LEU A 231 -13.56 12.39 -5.57
N CYS A 232 -14.47 11.94 -6.43
CA CYS A 232 -14.18 11.75 -7.86
C CYS A 232 -13.74 13.03 -8.57
N THR A 233 -14.47 14.12 -8.34
CA THR A 233 -14.10 15.42 -8.89
C THR A 233 -12.71 15.89 -8.40
N PHE A 234 -12.41 15.62 -7.13
CA PHE A 234 -11.13 16.02 -6.52
C PHE A 234 -9.94 15.27 -7.12
N LEU A 235 -10.04 13.95 -7.19
CA LEU A 235 -8.94 13.12 -7.72
C LEU A 235 -8.62 13.45 -9.17
N ILE A 236 -9.66 13.65 -9.98
CA ILE A 236 -9.47 14.01 -11.38
C ILE A 236 -8.81 15.39 -11.48
N SER A 237 -9.24 16.32 -10.66
CA SER A 237 -8.65 17.65 -10.64
C SER A 237 -7.16 17.62 -10.31
N ARG A 238 -6.78 16.82 -9.32
CA ARG A 238 -5.36 16.69 -8.93
C ARG A 238 -4.52 15.96 -9.96
N ALA A 239 -5.11 14.99 -10.65
CA ALA A 239 -4.42 14.22 -11.69
C ALA A 239 -4.08 15.07 -12.91
N CYS A 240 -4.99 15.95 -13.33
CA CYS A 240 -4.74 16.84 -14.48
C CYS A 240 -3.65 17.86 -14.19
N LYS A 241 -3.46 18.21 -12.91
CA LYS A 241 -2.39 19.11 -12.47
C LYS A 241 -1.06 18.43 -12.13
N ASN A 242 -1.05 17.10 -12.00
CA ASN A 242 0.14 16.34 -11.60
C ASN A 242 0.24 15.01 -12.36
N SER A 243 1.22 14.90 -13.27
CA SER A 243 1.31 13.74 -14.15
C SER A 243 1.63 12.41 -13.45
N THR A 244 2.32 12.46 -12.30
CA THR A 244 2.56 11.24 -11.50
C THR A 244 1.23 10.63 -10.99
N LEU A 245 0.41 11.46 -10.35
CA LEU A 245 -0.95 11.05 -9.93
C LEU A 245 -1.77 10.51 -11.10
N ALA A 246 -1.74 11.23 -12.22
CA ALA A 246 -2.41 10.80 -13.45
C ALA A 246 -2.02 9.39 -13.87
N ASN A 247 -0.73 9.07 -13.80
CA ASN A 247 -0.27 7.72 -14.16
C ASN A 247 -0.91 6.65 -13.27
N TYR A 248 -0.78 6.81 -11.96
CA TYR A 248 -1.30 5.80 -11.01
C TYR A 248 -2.84 5.79 -10.91
N LEU A 249 -3.47 6.96 -10.93
CA LEU A 249 -4.94 7.04 -10.98
C LEU A 249 -5.52 6.32 -12.20
N TYR A 250 -4.84 6.40 -13.35
CA TYR A 250 -5.28 5.66 -14.56
C TYR A 250 -5.29 4.15 -14.29
N TRP A 251 -4.14 3.63 -13.88
CA TRP A 251 -3.98 2.19 -13.74
C TRP A 251 -4.73 1.58 -12.54
N TYR A 252 -4.88 2.34 -11.44
CA TYR A 252 -5.69 1.88 -10.32
C TYR A 252 -7.17 1.73 -10.71
N VAL A 253 -7.72 2.75 -11.41
CA VAL A 253 -9.12 2.74 -11.91
C VAL A 253 -9.33 1.68 -13.01
N ILE A 254 -8.32 1.42 -13.84
CA ILE A 254 -8.43 0.40 -14.88
C ILE A 254 -8.62 -0.97 -14.24
N VAL A 255 -7.92 -1.22 -13.12
CA VAL A 255 -8.01 -2.52 -12.41
C VAL A 255 -9.38 -2.68 -11.76
N GLU A 256 -9.93 -1.59 -11.24
CA GLU A 256 -11.28 -1.63 -10.66
C GLU A 256 -12.36 -1.86 -11.72
N CYS A 257 -12.13 -1.38 -12.95
CA CYS A 257 -12.99 -1.72 -14.08
C CYS A 257 -12.80 -3.19 -14.49
N GLU A 258 -11.55 -3.64 -14.61
CA GLU A 258 -11.25 -5.04 -14.93
C GLU A 258 -11.54 -6.04 -13.81
N ASP A 259 -11.98 -5.55 -12.64
CA ASP A 259 -12.40 -6.42 -11.53
C ASP A 259 -13.70 -7.14 -11.89
N GLN A 260 -13.59 -8.45 -12.04
CA GLN A 260 -14.67 -9.30 -12.52
C GLN A 260 -15.64 -9.62 -11.41
N ASP A 261 -15.15 -9.82 -10.19
CA ASP A 261 -16.02 -10.03 -9.02
C ASP A 261 -16.89 -8.80 -8.75
N THR A 262 -16.38 -7.61 -9.10
CA THR A 262 -17.19 -6.38 -9.05
C THR A 262 -18.24 -6.39 -10.17
N GLN A 263 -17.87 -6.82 -11.38
CA GLN A 263 -18.82 -6.96 -12.49
C GLN A 263 -20.01 -7.87 -12.15
N GLN A 264 -19.75 -8.98 -11.44
CA GLN A 264 -20.80 -9.95 -11.07
C GLN A 264 -21.72 -9.43 -9.97
N ARG A 265 -21.15 -9.18 -8.79
CA ARG A 265 -21.92 -8.99 -7.56
C ARG A 265 -22.28 -7.53 -7.28
N ASP A 266 -21.58 -6.60 -7.90
CA ASP A 266 -21.88 -5.18 -7.76
C ASP A 266 -21.79 -4.48 -9.11
N PRO A 267 -22.64 -4.88 -10.08
CA PRO A 267 -22.56 -4.29 -11.43
C PRO A 267 -22.70 -2.77 -11.46
N LYS A 268 -23.48 -2.23 -10.53
CA LYS A 268 -23.58 -0.77 -10.37
C LYS A 268 -22.24 -0.10 -10.05
N THR A 269 -21.40 -0.78 -9.26
CA THR A 269 -20.07 -0.28 -8.89
C THR A 269 -19.12 -0.34 -10.08
N HIS A 270 -19.16 -1.45 -10.82
CA HIS A 270 -18.42 -1.57 -12.07
C HIS A 270 -18.74 -0.42 -13.04
N GLU A 271 -20.02 -0.04 -13.12
CA GLU A 271 -20.42 1.15 -13.90
C GLU A 271 -19.79 2.44 -13.39
N MET A 272 -19.78 2.62 -12.06
CA MET A 272 -19.20 3.83 -11.44
C MET A 272 -17.74 4.07 -11.83
N TYR A 273 -16.93 3.01 -11.80
CA TYR A 273 -15.51 3.10 -12.20
C TYR A 273 -15.31 3.38 -13.69
N LEU A 274 -16.18 2.84 -14.56
CA LEU A 274 -16.20 3.23 -15.99
C LEU A 274 -16.56 4.69 -16.14
N ASN A 275 -17.55 5.13 -15.38
CA ASN A 275 -17.91 6.55 -15.34
C ASN A 275 -16.79 7.42 -14.78
N VAL A 276 -16.05 6.92 -13.78
CA VAL A 276 -14.84 7.62 -13.29
C VAL A 276 -13.79 7.72 -14.38
N MET A 277 -13.55 6.62 -15.10
CA MET A 277 -12.54 6.61 -16.17
C MET A 277 -12.91 7.54 -17.32
N ARG A 278 -14.18 7.47 -17.73
CA ARG A 278 -14.70 8.36 -18.77
C ARG A 278 -14.79 9.82 -18.33
N ARG A 279 -15.02 10.07 -17.04
CA ARG A 279 -14.93 11.43 -16.49
C ARG A 279 -13.49 11.99 -16.59
N PHE A 280 -12.51 11.13 -16.31
CA PHE A 280 -11.09 11.49 -16.30
C PHE A 280 -10.65 11.84 -17.71
N SER A 281 -10.85 10.90 -18.64
CA SER A 281 -10.53 11.09 -20.05
C SER A 281 -11.15 12.38 -20.61
N GLN A 282 -12.36 12.68 -20.16
CA GLN A 282 -13.09 13.89 -20.55
C GLN A 282 -12.40 15.19 -20.11
N ALA A 283 -11.90 15.20 -18.88
CA ALA A 283 -11.17 16.35 -18.36
C ALA A 283 -9.82 16.49 -19.06
N LEU A 284 -9.15 15.37 -19.32
CA LEU A 284 -7.86 15.36 -20.02
C LEU A 284 -7.98 15.98 -21.40
N LEU A 285 -9.04 15.63 -22.11
CA LEU A 285 -9.33 16.20 -23.43
C LEU A 285 -9.76 17.66 -23.31
N LYS A 286 -10.60 17.97 -22.31
CA LYS A 286 -11.04 19.36 -22.02
C LYS A 286 -9.89 20.30 -21.59
N GLY A 287 -8.84 19.76 -20.98
CA GLY A 287 -7.77 20.57 -20.40
C GLY A 287 -6.84 21.22 -21.41
N ASP A 288 -5.88 22.02 -20.91
CA ASP A 288 -4.97 22.80 -21.77
C ASP A 288 -3.96 21.94 -22.57
N LYS A 289 -2.95 22.57 -23.18
CA LYS A 289 -2.08 21.91 -24.19
C LYS A 289 -1.23 20.79 -23.61
N SER A 290 -0.60 21.09 -22.48
CA SER A 290 0.20 20.12 -21.69
C SER A 290 -0.62 18.93 -21.12
N VAL A 291 -1.84 19.20 -20.68
CA VAL A 291 -2.77 18.19 -20.14
C VAL A 291 -3.25 17.22 -21.24
N ARG A 292 -3.54 17.73 -22.44
CA ARG A 292 -3.95 16.87 -23.57
C ARG A 292 -2.88 15.85 -23.98
N VAL A 293 -1.60 16.23 -23.87
CA VAL A 293 -0.47 15.32 -24.13
C VAL A 293 -0.44 14.18 -23.08
N MET A 294 -0.78 14.52 -21.84
CA MET A 294 -0.98 13.54 -20.77
C MET A 294 -1.87 12.37 -21.25
N ARG A 295 -2.98 12.70 -21.90
CA ARG A 295 -3.93 11.68 -22.44
C ARG A 295 -3.29 10.74 -23.46
N SER A 296 -2.53 11.28 -24.40
CA SER A 296 -1.89 10.44 -25.42
C SER A 296 -0.76 9.57 -24.86
N LEU A 297 -0.11 10.05 -23.80
CA LEU A 297 0.92 9.26 -23.09
C LEU A 297 0.29 8.07 -22.37
N LEU A 298 -0.87 8.27 -21.76
CA LEU A 298 -1.63 7.17 -21.14
C LEU A 298 -2.09 6.16 -22.19
N ALA A 299 -2.57 6.67 -23.32
CA ALA A 299 -2.98 5.84 -24.46
C ALA A 299 -1.81 5.00 -25.00
N ALA A 300 -0.62 5.60 -25.01
CA ALA A 300 0.62 4.92 -25.42
C ALA A 300 0.94 3.75 -24.48
N GLN A 301 0.90 4.01 -23.18
CA GLN A 301 1.07 2.98 -22.18
C GLN A 301 0.05 1.85 -22.37
N GLN A 302 -1.22 2.22 -22.56
CA GLN A 302 -2.30 1.24 -22.57
C GLN A 302 -2.17 0.27 -23.73
N THR A 303 -1.80 0.76 -24.92
CA THR A 303 -1.62 -0.14 -26.06
C THR A 303 -0.35 -0.97 -25.86
N PHE A 304 0.72 -0.35 -25.35
CA PHE A 304 1.97 -1.07 -25.03
C PHE A 304 1.72 -2.27 -24.13
N VAL A 305 0.89 -2.09 -23.11
CA VAL A 305 0.54 -3.17 -22.18
C VAL A 305 -0.35 -4.18 -22.90
N ASP A 306 -1.35 -3.68 -23.63
CA ASP A 306 -2.23 -4.55 -24.42
C ASP A 306 -1.45 -5.40 -25.43
N ARG A 307 -0.37 -4.85 -25.98
CA ARG A 307 0.50 -5.62 -26.88
C ARG A 307 1.36 -6.60 -26.10
N LEU A 308 1.82 -6.17 -24.93
CA LEU A 308 2.64 -7.03 -24.06
C LEU A 308 1.85 -8.23 -23.54
N VAL A 309 0.60 -8.01 -23.17
CA VAL A 309 -0.31 -9.08 -22.72
C VAL A 309 -0.62 -10.06 -23.86
N HIS A 310 -0.78 -9.53 -25.08
CA HIS A 310 -0.97 -10.37 -26.28
C HIS A 310 0.26 -11.22 -26.56
N LEU A 311 1.44 -10.63 -26.41
CA LEU A 311 2.69 -11.36 -26.57
C LEU A 311 2.86 -12.45 -25.52
N MET A 312 2.38 -12.21 -24.31
CA MET A 312 2.39 -13.23 -23.24
C MET A 312 1.44 -14.39 -23.53
N LYS A 313 0.21 -14.09 -23.93
CA LYS A 313 -0.73 -15.13 -24.38
C LYS A 313 -0.19 -15.99 -25.53
N ALA A 314 0.49 -15.34 -26.48
CA ALA A 314 1.10 -16.01 -27.63
C ALA A 314 2.25 -16.95 -27.29
N VAL A 315 2.84 -16.79 -26.11
CA VAL A 315 3.85 -17.72 -25.59
C VAL A 315 3.18 -18.76 -24.67
N GLN A 316 2.39 -18.29 -23.71
CA GLN A 316 1.70 -19.16 -22.74
C GLN A 316 0.91 -20.29 -23.42
N ARG A 317 0.35 -19.99 -24.60
CA ARG A 317 -0.39 -20.97 -25.39
C ARG A 317 0.53 -21.88 -26.23
N GLU A 318 1.34 -21.27 -27.10
CA GLU A 318 2.17 -22.01 -28.07
C GLU A 318 2.97 -23.09 -27.35
N SER A 319 2.62 -24.35 -27.62
CA SER A 319 3.03 -25.46 -26.78
C SER A 319 4.47 -25.91 -27.06
N GLY A 320 4.95 -26.82 -26.21
CA GLY A 320 6.36 -27.17 -26.14
C GLY A 320 6.85 -26.92 -24.73
N ASN A 321 8.14 -27.12 -24.51
CA ASN A 321 8.78 -26.88 -23.21
C ASN A 321 9.08 -25.39 -23.01
N ARG A 322 9.71 -25.06 -21.88
CA ARG A 322 10.09 -23.68 -21.56
C ARG A 322 11.16 -23.10 -22.51
N LYS A 323 12.09 -23.95 -22.96
CA LYS A 323 13.17 -23.51 -23.85
C LYS A 323 12.66 -23.17 -25.26
N LYS A 324 11.64 -23.88 -25.74
CA LYS A 324 11.00 -23.56 -27.03
C LYS A 324 10.16 -22.29 -26.88
N LYS A 325 9.49 -22.15 -25.74
CA LYS A 325 8.74 -20.91 -25.40
C LYS A 325 9.65 -19.68 -25.25
N ASN A 326 10.87 -19.87 -24.74
CA ASN A 326 11.82 -18.75 -24.61
C ASN A 326 12.35 -18.26 -25.93
N GLU A 327 12.66 -19.20 -26.82
CA GLU A 327 13.01 -18.86 -28.20
C GLU A 327 11.86 -18.15 -28.90
N ARG A 328 10.64 -18.58 -28.58
CA ARG A 328 9.42 -17.95 -29.09
C ARG A 328 9.25 -16.51 -28.57
N LEU A 329 9.44 -16.32 -27.25
CA LEU A 329 9.31 -14.99 -26.60
C LEU A 329 10.20 -13.93 -27.23
N GLN A 330 11.43 -14.34 -27.59
CA GLN A 330 12.42 -13.44 -28.15
C GLN A 330 12.12 -13.12 -29.62
N ALA A 331 11.53 -14.08 -30.33
CA ALA A 331 11.17 -13.92 -31.75
C ALA A 331 10.14 -12.82 -31.94
N LEU A 332 9.13 -12.83 -31.08
CA LEU A 332 8.04 -11.85 -31.11
C LEU A 332 8.49 -10.44 -30.66
N LEU A 333 9.39 -10.37 -29.70
CA LEU A 333 9.95 -9.10 -29.25
C LEU A 333 10.80 -8.48 -30.34
N GLY A 334 11.71 -9.27 -30.90
CA GLY A 334 12.59 -8.85 -32.00
C GLY A 334 11.88 -8.38 -33.25
N ASP A 335 10.70 -8.94 -33.52
CA ASP A 335 9.80 -8.48 -34.58
C ASP A 335 9.01 -7.25 -34.11
N ASN A 336 9.50 -6.07 -34.49
CA ASN A 336 8.87 -4.80 -34.11
C ASN A 336 7.84 -4.24 -35.12
N GLU A 337 7.78 -4.81 -36.31
CA GLU A 337 6.76 -4.44 -37.30
C GLU A 337 5.39 -4.87 -36.78
N LYS A 338 5.29 -6.15 -36.44
CA LYS A 338 4.05 -6.77 -36.02
C LYS A 338 3.72 -6.48 -34.56
N MET A 339 4.62 -6.90 -33.66
CA MET A 339 4.36 -6.82 -32.22
C MET A 339 4.64 -5.45 -31.62
N ASN A 340 5.67 -4.78 -32.13
CA ASN A 340 5.91 -3.36 -31.86
C ASN A 340 6.31 -3.07 -30.39
N LEU A 341 7.30 -3.82 -29.89
CA LEU A 341 7.74 -3.75 -28.48
C LEU A 341 9.23 -3.50 -28.24
N SER A 342 10.11 -3.91 -29.15
CA SER A 342 11.55 -3.63 -29.04
C SER A 342 12.00 -2.19 -29.38
N ASP A 343 11.10 -1.38 -29.93
CA ASP A 343 11.37 0.03 -30.22
C ASP A 343 10.09 0.88 -30.06
N VAL A 344 9.64 1.01 -28.82
CA VAL A 344 8.63 1.97 -28.43
C VAL A 344 9.20 3.40 -28.60
N GLU A 345 8.29 4.38 -28.67
CA GLU A 345 8.64 5.76 -28.99
C GLU A 345 8.89 6.58 -27.72
N LEU A 346 9.76 6.05 -26.85
CA LEU A 346 10.20 6.69 -25.59
C LEU A 346 9.04 7.01 -24.62
N ILE A 347 8.17 6.01 -24.39
CA ILE A 347 6.96 6.19 -23.57
C ILE A 347 7.26 5.98 -22.09
N PRO A 348 6.46 6.57 -21.18
CA PRO A 348 6.73 6.39 -19.76
C PRO A 348 6.30 5.02 -19.25
N LEU A 349 7.19 4.36 -18.51
CA LEU A 349 6.90 3.07 -17.90
C LEU A 349 5.84 3.26 -16.82
N PRO A 350 4.66 2.63 -16.95
CA PRO A 350 3.59 2.75 -15.91
C PRO A 350 4.00 2.44 -14.44
N LEU A 351 4.86 1.43 -14.28
CA LEU A 351 5.45 1.03 -12.99
C LEU A 351 6.13 2.18 -12.25
N GLU A 352 6.93 2.94 -13.00
CA GLU A 352 7.64 4.11 -12.48
C GLU A 352 7.81 5.11 -13.62
N PRO A 353 6.89 6.07 -13.75
CA PRO A 353 6.88 6.94 -14.95
C PRO A 353 8.04 7.94 -15.09
N GLN A 354 8.88 8.07 -14.06
CA GLN A 354 10.19 8.77 -14.16
C GLN A 354 11.06 8.10 -15.24
N VAL A 355 10.90 6.78 -15.38
CA VAL A 355 11.59 5.96 -16.39
C VAL A 355 10.80 5.88 -17.69
N LYS A 356 11.28 6.58 -18.72
CA LYS A 356 10.74 6.44 -20.07
C LYS A 356 11.52 5.31 -20.74
N ILE A 357 10.81 4.49 -21.51
CA ILE A 357 11.39 3.26 -22.06
C ILE A 357 11.48 3.32 -23.59
N ARG A 358 12.67 3.03 -24.11
CA ARG A 358 12.92 2.97 -25.54
C ARG A 358 12.37 1.68 -26.15
N GLY A 359 12.35 0.60 -25.37
CA GLY A 359 11.82 -0.69 -25.81
C GLY A 359 12.24 -1.83 -24.88
N ILE A 360 11.73 -3.03 -25.12
CA ILE A 360 12.16 -4.22 -24.40
C ILE A 360 13.32 -4.84 -25.16
N ILE A 361 14.38 -5.21 -24.45
CA ILE A 361 15.53 -5.86 -25.07
C ILE A 361 15.14 -7.31 -25.41
N PRO A 362 15.10 -7.67 -26.72
CA PRO A 362 14.60 -9.00 -27.08
C PRO A 362 15.47 -10.17 -26.62
N GLU A 363 16.79 -10.03 -26.75
CA GLU A 363 17.75 -11.13 -26.50
C GLU A 363 17.92 -11.59 -25.03
N THR A 364 17.64 -10.70 -24.06
CA THR A 364 17.74 -11.00 -22.62
C THR A 364 16.46 -11.57 -21.99
N ALA A 365 15.32 -11.44 -22.69
CA ALA A 365 14.02 -11.81 -22.13
C ALA A 365 13.93 -13.31 -21.87
N THR A 366 13.51 -13.67 -20.65
CA THR A 366 13.44 -15.06 -20.17
C THR A 366 12.18 -15.29 -19.35
N LEU A 367 11.65 -16.49 -19.41
CA LEU A 367 10.48 -16.90 -18.61
C LEU A 367 10.96 -17.64 -17.38
N ALA A 368 10.35 -17.36 -16.22
CA ALA A 368 10.72 -18.04 -14.98
C ALA A 368 10.16 -19.46 -14.96
N LYS A 369 10.97 -20.42 -14.47
CA LYS A 369 10.53 -21.80 -14.24
C LYS A 369 9.71 -21.80 -12.96
N SER A 370 8.44 -21.40 -13.09
CA SER A 370 7.48 -21.30 -11.96
C SER A 370 6.05 -21.34 -12.50
N ALA A 371 5.06 -21.35 -11.59
CA ALA A 371 3.65 -21.73 -11.92
C ALA A 371 2.93 -20.94 -13.03
N ASN A 372 2.93 -19.61 -12.94
CA ASN A 372 2.24 -18.76 -13.91
C ASN A 372 3.15 -18.21 -15.02
N MET A 373 4.39 -18.68 -15.05
CA MET A 373 5.40 -18.22 -16.00
C MET A 373 5.41 -16.71 -16.12
N PRO A 374 5.91 -16.05 -15.08
CA PRO A 374 6.32 -14.66 -15.27
C PRO A 374 7.47 -14.54 -16.28
N ALA A 375 7.53 -13.41 -16.98
CA ALA A 375 8.66 -13.09 -17.86
C ALA A 375 9.58 -12.05 -17.21
N GLN A 376 10.88 -12.35 -17.15
CA GLN A 376 11.90 -11.33 -16.77
C GLN A 376 12.23 -10.53 -18.01
N LEU A 377 11.88 -9.25 -18.02
CA LEU A 377 12.06 -8.39 -19.20
C LEU A 377 12.99 -7.23 -18.86
N PHE A 378 13.80 -6.83 -19.84
CA PHE A 378 14.75 -5.73 -19.66
C PHE A 378 14.41 -4.56 -20.56
N PHE A 379 13.95 -3.48 -19.95
CA PHE A 379 13.65 -2.24 -20.65
C PHE A 379 14.94 -1.48 -20.88
N LYS A 380 15.17 -1.04 -22.13
CA LYS A 380 16.23 -0.08 -22.47
C LYS A 380 15.64 1.31 -22.22
N THR A 381 16.35 2.16 -21.49
CA THR A 381 15.75 3.39 -20.97
C THR A 381 16.17 4.67 -21.70
N GLU A 382 15.42 5.74 -21.45
CA GLU A 382 15.79 7.15 -21.71
C GLU A 382 17.29 7.45 -21.67
N ASP A 383 17.98 6.96 -20.64
CA ASP A 383 19.39 7.29 -20.36
C ASP A 383 20.30 6.04 -20.48
N GLY A 384 20.03 5.21 -21.49
CA GLY A 384 20.89 4.08 -21.86
C GLY A 384 21.01 2.91 -20.90
N GLY A 385 20.22 2.91 -19.84
CA GLY A 385 20.31 1.89 -18.80
C GLY A 385 19.28 0.80 -19.02
N LYS A 386 19.46 -0.29 -18.29
CA LYS A 386 18.47 -1.38 -18.23
C LYS A 386 17.67 -1.22 -16.94
N TYR A 387 16.34 -1.23 -17.06
CA TYR A 387 15.44 -1.30 -15.92
C TYR A 387 14.73 -2.64 -16.06
N PRO A 388 15.18 -3.66 -15.31
CA PRO A 388 14.52 -4.95 -15.43
C PRO A 388 13.22 -4.99 -14.64
N VAL A 389 12.22 -5.68 -15.17
CA VAL A 389 10.96 -5.95 -14.46
C VAL A 389 10.63 -7.43 -14.55
N LEU A 390 9.61 -7.82 -13.80
CA LEU A 390 9.05 -9.16 -13.82
C LEU A 390 7.58 -8.98 -14.19
N PHE A 391 7.21 -9.30 -15.43
CA PHE A 391 5.82 -9.17 -15.89
C PHE A 391 5.10 -10.52 -15.75
N LYS A 392 4.10 -10.55 -14.88
CA LYS A 392 3.29 -11.75 -14.64
C LYS A 392 2.03 -11.68 -15.47
N HIS A 393 1.78 -12.70 -16.29
CA HIS A 393 0.48 -12.91 -16.91
C HIS A 393 -0.14 -14.17 -16.27
N GLY A 394 -1.41 -14.05 -15.89
CA GLY A 394 -2.17 -15.15 -15.29
C GLY A 394 -2.03 -15.27 -13.78
N ASP A 395 -1.91 -14.12 -13.11
CA ASP A 395 -1.61 -14.06 -11.67
C ASP A 395 -2.18 -12.76 -11.12
N ASP A 396 -2.82 -12.80 -9.95
CA ASP A 396 -3.30 -11.56 -9.32
C ASP A 396 -2.14 -10.95 -8.52
N LEU A 397 -1.91 -9.67 -8.76
CA LEU A 397 -0.81 -8.93 -8.16
C LEU A 397 -1.24 -8.03 -7.03
N ARG A 398 -2.54 -7.85 -6.85
CA ARG A 398 -3.06 -6.79 -5.99
C ARG A 398 -2.71 -6.95 -4.52
N GLN A 399 -2.63 -8.19 -4.04
CA GLN A 399 -2.22 -8.42 -2.66
C GLN A 399 -0.79 -7.93 -2.44
N ASP A 400 0.11 -8.22 -3.39
CA ASP A 400 1.48 -7.66 -3.38
C ASP A 400 1.48 -6.14 -3.54
N GLN A 401 0.74 -5.63 -4.52
CA GLN A 401 0.62 -4.19 -4.76
C GLN A 401 0.33 -3.48 -3.46
N LEU A 402 -0.64 -3.98 -2.68
CA LEU A 402 -0.96 -3.42 -1.38
C LEU A 402 0.20 -3.45 -0.40
N ILE A 403 0.81 -4.62 -0.18
CA ILE A 403 1.86 -4.78 0.82
C ILE A 403 3.08 -3.93 0.51
N LEU A 404 3.61 -4.02 -0.72
CA LEU A 404 4.72 -3.15 -1.12
C LEU A 404 4.37 -1.67 -0.98
N GLN A 405 3.11 -1.34 -1.25
CA GLN A 405 2.60 0.01 -1.11
C GLN A 405 2.59 0.46 0.35
N ILE A 406 2.24 -0.44 1.27
CA ILE A 406 2.31 -0.14 2.72
C ILE A 406 3.77 -0.10 3.21
N ILE A 407 4.59 -1.03 2.74
CA ILE A 407 6.02 -1.04 3.10
C ILE A 407 6.69 0.26 2.60
N SER A 408 6.27 0.75 1.44
CA SER A 408 6.75 2.04 0.94
C SER A 408 6.45 3.15 1.95
N LEU A 409 5.22 3.21 2.43
CA LEU A 409 4.82 4.21 3.42
C LEU A 409 5.65 4.06 4.70
N MET A 410 5.62 2.85 5.27
CA MET A 410 6.36 2.55 6.49
C MET A 410 7.82 2.96 6.38
N ASP A 411 8.43 2.71 5.22
CA ASP A 411 9.78 3.18 4.95
C ASP A 411 9.83 4.70 5.04
N LYS A 412 8.91 5.40 4.38
CA LYS A 412 8.86 6.86 4.39
C LYS A 412 8.57 7.44 5.78
N LEU A 413 7.69 6.80 6.53
CA LEU A 413 7.38 7.24 7.89
C LEU A 413 8.56 7.14 8.85
N LEU A 414 9.35 6.08 8.73
CA LEU A 414 10.61 5.95 9.47
C LEU A 414 11.66 6.99 9.07
N ARG A 415 11.76 7.28 7.77
CA ARG A 415 12.65 8.33 7.29
C ARG A 415 12.18 9.71 7.74
N LYS A 416 10.86 9.91 7.89
CA LYS A 416 10.32 11.14 8.49
C LYS A 416 10.99 11.36 9.86
N GLU A 417 11.14 10.29 10.62
CA GLU A 417 11.79 10.28 11.94
C GLU A 417 13.33 10.06 11.87
N ASN A 418 13.94 10.32 10.72
CA ASN A 418 15.37 10.05 10.46
C ASN A 418 15.88 8.64 10.83
N LEU A 419 15.05 7.62 10.53
CA LEU A 419 15.47 6.22 10.61
C LEU A 419 15.36 5.57 9.22
N ASP A 420 16.47 5.58 8.49
CA ASP A 420 16.59 4.88 7.23
C ASP A 420 17.10 3.49 7.54
N LEU A 421 16.25 2.49 7.36
CA LEU A 421 16.62 1.09 7.64
C LEU A 421 16.98 0.28 6.40
N LYS A 422 17.36 0.95 5.31
CA LYS A 422 17.83 0.27 4.08
C LYS A 422 16.83 -0.77 3.56
N LEU A 423 15.59 -0.32 3.53
CA LEU A 423 14.51 -1.15 3.10
C LEU A 423 14.44 -1.06 1.60
N THR A 424 13.77 -2.05 1.02
CA THR A 424 13.71 -2.26 -0.42
C THR A 424 12.23 -2.37 -0.83
N PRO A 425 11.50 -1.23 -0.81
CA PRO A 425 10.09 -1.21 -1.22
C PRO A 425 9.96 -1.13 -2.75
N TYR A 426 10.22 -2.28 -3.39
CA TYR A 426 10.27 -2.37 -4.85
C TYR A 426 8.90 -2.12 -5.46
N LYS A 427 8.87 -1.52 -6.63
CA LYS A 427 7.62 -1.05 -7.24
C LYS A 427 6.79 -2.20 -7.76
N VAL A 428 5.47 -2.07 -7.61
CA VAL A 428 4.51 -3.06 -8.06
C VAL A 428 3.30 -2.33 -8.65
N LEU A 429 2.92 -2.71 -9.87
CA LEU A 429 1.72 -2.14 -10.50
C LEU A 429 0.93 -3.20 -11.26
N ALA A 430 -0.27 -3.47 -10.78
CA ALA A 430 -1.23 -4.26 -11.50
C ALA A 430 -1.78 -3.39 -12.65
N THR A 431 -1.69 -3.93 -13.86
CA THR A 431 -2.31 -3.35 -15.07
C THR A 431 -3.62 -4.07 -15.46
N SER A 432 -3.97 -5.08 -14.66
CA SER A 432 -5.31 -5.69 -14.62
C SER A 432 -5.38 -6.56 -13.36
N THR A 433 -6.55 -7.12 -13.08
CA THR A 433 -6.66 -8.18 -12.08
C THR A 433 -5.85 -9.41 -12.50
N LYS A 434 -5.79 -9.64 -13.81
CA LYS A 434 -5.08 -10.77 -14.39
C LYS A 434 -3.54 -10.70 -14.37
N HIS A 435 -2.97 -9.50 -14.47
CA HIS A 435 -1.54 -9.35 -14.78
C HIS A 435 -0.96 -8.04 -14.25
N GLY A 436 0.36 -7.87 -14.42
CA GLY A 436 1.02 -6.59 -14.11
C GLY A 436 2.54 -6.65 -13.94
N PHE A 437 3.09 -5.55 -13.42
CA PHE A 437 4.54 -5.35 -13.30
C PHE A 437 5.06 -5.42 -11.85
N LEU A 438 6.23 -6.03 -11.70
CA LEU A 438 7.06 -5.91 -10.51
C LEU A 438 8.44 -5.43 -10.91
N GLN A 439 8.97 -4.45 -10.19
CA GLN A 439 10.35 -4.01 -10.38
C GLN A 439 11.33 -5.09 -9.89
N TRP A 440 12.25 -5.48 -10.77
CA TRP A 440 13.32 -6.40 -10.41
C TRP A 440 14.48 -5.61 -9.83
N ILE A 441 14.85 -5.93 -8.58
CA ILE A 441 16.03 -5.34 -7.92
C ILE A 441 17.30 -5.98 -8.48
N GLN A 442 18.02 -5.21 -9.30
CA GLN A 442 19.23 -5.71 -9.95
C GLN A 442 20.21 -6.03 -8.83
N GLY A 443 20.63 -7.31 -8.77
CA GLY A 443 21.67 -7.75 -7.84
C GLY A 443 21.21 -8.57 -6.66
N SER A 444 19.90 -8.75 -6.52
CA SER A 444 19.34 -9.56 -5.44
C SER A 444 19.52 -11.04 -5.71
N VAL A 445 19.67 -11.81 -4.64
CA VAL A 445 19.82 -13.25 -4.71
C VAL A 445 18.97 -13.85 -3.60
N PRO A 446 18.30 -14.98 -3.85
CA PRO A 446 17.62 -15.64 -2.73
C PRO A 446 18.60 -16.19 -1.68
N VAL A 447 18.31 -15.96 -0.40
CA VAL A 447 19.18 -16.38 0.72
C VAL A 447 19.51 -17.87 0.61
N ALA A 448 18.52 -18.66 0.19
CA ALA A 448 18.72 -20.07 -0.15
C ALA A 448 19.89 -20.24 -1.11
N GLU A 449 19.82 -19.56 -2.27
CA GLU A 449 20.90 -19.59 -3.27
C GLU A 449 22.23 -19.09 -2.69
N VAL A 450 22.16 -18.11 -1.78
CA VAL A 450 23.36 -17.57 -1.11
C VAL A 450 23.97 -18.61 -0.19
N LEU A 451 23.13 -19.29 0.58
CA LEU A 451 23.60 -20.40 1.43
C LEU A 451 24.14 -21.57 0.60
N ASP A 452 23.47 -21.84 -0.53
CA ASP A 452 23.79 -23.01 -1.35
C ASP A 452 25.19 -22.98 -1.97
N THR A 453 25.64 -21.82 -2.44
CA THR A 453 26.91 -21.70 -3.18
C THR A 453 28.09 -21.15 -2.37
N GLU A 454 27.84 -20.18 -1.49
CA GLU A 454 28.89 -19.60 -0.63
C GLU A 454 28.87 -20.09 0.82
N GLY A 455 27.83 -20.82 1.23
CA GLY A 455 27.78 -21.48 2.54
C GLY A 455 27.00 -20.74 3.63
N SER A 456 27.38 -19.49 3.90
CA SER A 456 26.76 -18.67 4.94
C SER A 456 26.60 -17.22 4.47
N ILE A 457 25.74 -16.47 5.15
CA ILE A 457 25.54 -15.05 4.85
C ILE A 457 26.83 -14.26 5.07
N GLN A 458 27.65 -14.70 6.04
CA GLN A 458 28.97 -14.07 6.28
C GLN A 458 29.99 -14.33 5.16
N ASN A 459 30.03 -15.55 4.64
CA ASN A 459 30.94 -15.88 3.53
C ASN A 459 30.62 -15.09 2.25
N PHE A 460 29.33 -15.01 1.93
CA PHE A 460 28.82 -14.14 0.87
C PHE A 460 29.38 -12.73 0.97
N PHE A 461 29.15 -12.05 2.10
CA PHE A 461 29.63 -10.67 2.27
C PHE A 461 31.15 -10.50 2.23
N ARG A 462 31.90 -11.52 2.69
CA ARG A 462 33.38 -11.48 2.65
C ARG A 462 33.90 -11.56 1.23
N LYS A 463 33.33 -12.48 0.47
CA LYS A 463 33.63 -12.61 -0.95
C LYS A 463 33.37 -11.32 -1.71
N TYR A 464 32.17 -10.76 -1.54
CA TYR A 464 31.72 -9.62 -2.35
C TYR A 464 32.00 -8.22 -1.76
N ALA A 465 32.31 -8.11 -0.47
CA ALA A 465 32.60 -6.81 0.13
C ALA A 465 33.55 -6.86 1.35
N PRO A 466 34.78 -7.40 1.16
CA PRO A 466 35.71 -7.56 2.28
C PRO A 466 36.35 -6.24 2.77
N SER A 467 36.92 -6.30 3.97
CA SER A 467 37.51 -5.14 4.64
C SER A 467 38.43 -5.60 5.78
N GLU A 468 39.65 -5.06 5.82
CA GLU A 468 40.63 -5.45 6.85
C GLU A 468 40.07 -5.16 8.24
N ASN A 469 39.64 -3.91 8.45
CA ASN A 469 39.19 -3.42 9.77
C ASN A 469 37.72 -3.62 10.10
N GLY A 470 36.88 -3.83 9.10
CA GLY A 470 35.45 -4.06 9.32
C GLY A 470 35.16 -5.38 10.02
N PRO A 471 33.95 -5.50 10.64
CA PRO A 471 33.60 -6.62 11.50
C PRO A 471 33.53 -7.96 10.78
N ASN A 472 34.25 -8.95 11.29
CA ASN A 472 34.32 -10.28 10.69
C ASN A 472 34.85 -10.23 9.23
N GLY A 473 35.79 -9.31 8.97
CA GLY A 473 36.39 -9.16 7.64
C GLY A 473 35.43 -8.72 6.53
N ILE A 474 34.41 -7.94 6.91
CA ILE A 474 33.36 -7.43 6.00
C ILE A 474 33.27 -5.92 6.16
N SER A 475 33.02 -5.19 5.06
CA SER A 475 32.84 -3.74 5.12
C SER A 475 31.85 -3.38 6.22
N ALA A 476 32.24 -2.45 7.10
CA ALA A 476 31.37 -2.01 8.19
C ALA A 476 30.05 -1.46 7.66
N GLU A 477 30.14 -0.69 6.58
CA GLU A 477 28.96 -0.16 5.90
C GLU A 477 28.02 -1.27 5.40
N VAL A 478 28.57 -2.35 4.85
CA VAL A 478 27.76 -3.49 4.40
C VAL A 478 27.11 -4.20 5.58
N MET A 479 27.88 -4.44 6.63
CA MET A 479 27.35 -5.11 7.83
C MET A 479 26.29 -4.27 8.53
N ASP A 480 26.42 -2.94 8.43
CA ASP A 480 25.45 -2.03 9.01
C ASP A 480 24.12 -2.09 8.25
N THR A 481 24.20 -2.07 6.92
CA THR A 481 23.07 -2.21 6.01
C THR A 481 22.25 -3.48 6.29
N TYR A 482 22.96 -4.60 6.37
CA TYR A 482 22.37 -5.90 6.71
C TYR A 482 21.64 -5.94 8.05
N VAL A 483 22.24 -5.30 9.06
CA VAL A 483 21.62 -5.22 10.38
C VAL A 483 20.30 -4.46 10.27
N LYS A 484 20.42 -3.22 9.81
CA LYS A 484 19.28 -2.29 9.72
C LYS A 484 18.12 -2.84 8.90
N SER A 485 18.44 -3.45 7.77
CA SER A 485 17.42 -4.07 6.92
C SER A 485 16.78 -5.27 7.60
N CYS A 486 17.59 -6.13 8.23
CA CYS A 486 17.07 -7.25 9.03
C CYS A 486 16.08 -6.72 10.08
N ALA A 487 16.50 -5.69 10.80
CA ALA A 487 15.69 -5.11 11.88
C ALA A 487 14.36 -4.60 11.38
N GLY A 488 14.40 -3.75 10.36
CA GLY A 488 13.22 -3.15 9.78
C GLY A 488 12.25 -4.20 9.27
N TYR A 489 12.74 -5.14 8.46
CA TYR A 489 11.87 -6.19 7.87
C TYR A 489 11.34 -7.18 8.90
N CYS A 490 12.06 -7.40 9.99
CA CYS A 490 11.57 -8.24 11.09
C CYS A 490 10.33 -7.64 11.74
N VAL A 491 10.43 -6.35 12.07
CA VAL A 491 9.33 -5.56 12.63
C VAL A 491 8.18 -5.40 11.63
N ILE A 492 8.50 -5.10 10.38
CA ILE A 492 7.47 -4.87 9.37
C ILE A 492 6.72 -6.16 8.97
N THR A 493 7.42 -7.30 8.83
CA THR A 493 6.74 -8.57 8.53
C THR A 493 5.98 -9.11 9.73
N TYR A 494 6.39 -8.70 10.94
CA TYR A 494 5.63 -8.99 12.19
C TYR A 494 4.27 -8.26 12.25
N ILE A 495 4.24 -6.95 11.91
CA ILE A 495 3.02 -6.13 11.97
C ILE A 495 1.99 -6.52 10.92
N LEU A 496 2.44 -6.53 9.66
CA LEU A 496 1.59 -6.90 8.52
C LEU A 496 1.22 -8.39 8.53
N GLY A 497 1.90 -9.19 9.34
CA GLY A 497 1.51 -10.57 9.58
C GLY A 497 1.86 -11.41 8.39
N VAL A 498 3.06 -11.21 7.86
CA VAL A 498 3.49 -11.89 6.65
C VAL A 498 3.92 -13.32 7.03
N GLY A 499 3.18 -14.31 6.52
CA GLY A 499 3.50 -15.74 6.72
C GLY A 499 4.05 -16.39 5.47
N ASP A 500 4.40 -17.67 5.58
CA ASP A 500 5.00 -18.46 4.49
C ASP A 500 6.35 -17.86 4.12
N ARG A 501 7.21 -17.71 5.13
CA ARG A 501 8.57 -17.23 4.92
C ARG A 501 9.49 -18.44 4.84
N HIS A 502 10.44 -18.36 3.92
CA HIS A 502 11.48 -19.37 3.73
C HIS A 502 12.62 -18.68 2.99
N LEU A 503 13.71 -19.39 2.76
CA LEU A 503 14.91 -18.76 2.24
C LEU A 503 14.88 -18.43 0.73
N ASP A 504 13.87 -18.91 0.01
CA ASP A 504 13.62 -18.51 -1.39
C ASP A 504 12.84 -17.20 -1.56
N ASN A 505 12.11 -16.76 -0.53
CA ASN A 505 11.46 -15.44 -0.56
C ASN A 505 12.11 -14.37 0.33
N LEU A 506 13.24 -14.70 0.96
CA LEU A 506 14.15 -13.70 1.53
C LEU A 506 15.29 -13.52 0.55
N LEU A 507 15.44 -12.31 0.02
CA LEU A 507 16.54 -12.01 -0.89
C LEU A 507 17.62 -11.19 -0.20
N LEU A 508 18.84 -11.31 -0.73
CA LEU A 508 19.99 -10.60 -0.22
C LEU A 508 20.72 -9.93 -1.38
N THR A 509 21.30 -8.77 -1.10
CA THR A 509 22.10 -8.03 -2.07
C THR A 509 23.51 -7.92 -1.55
N LYS A 510 24.43 -7.64 -2.46
CA LYS A 510 25.84 -7.46 -2.12
C LYS A 510 26.12 -6.09 -1.48
N THR A 511 25.15 -5.17 -1.57
CA THR A 511 25.18 -3.91 -0.80
C THR A 511 25.03 -4.12 0.72
N GLY A 512 24.52 -5.29 1.13
CA GLY A 512 24.18 -5.57 2.53
C GLY A 512 22.69 -5.78 2.76
N LYS A 513 21.85 -5.28 1.84
CA LYS A 513 20.40 -5.26 2.04
C LYS A 513 19.75 -6.64 2.03
N LEU A 514 19.05 -6.96 3.11
CA LEU A 514 18.10 -8.05 3.14
C LEU A 514 16.74 -7.45 2.79
N PHE A 515 15.89 -8.26 2.13
CA PHE A 515 14.50 -7.88 1.90
C PHE A 515 13.60 -9.08 1.57
N HIS A 516 12.28 -8.84 1.52
CA HIS A 516 11.28 -9.91 1.40
C HIS A 516 10.50 -9.77 0.10
N ILE A 517 10.14 -10.91 -0.49
CA ILE A 517 9.31 -10.97 -1.70
C ILE A 517 8.11 -11.93 -1.54
N ASP A 518 7.25 -11.95 -2.56
CA ASP A 518 6.13 -12.93 -2.69
C ASP A 518 5.21 -13.01 -1.45
N PHE A 519 4.29 -12.06 -1.36
CA PHE A 519 3.45 -11.91 -0.17
C PHE A 519 2.09 -12.59 -0.37
N GLY A 520 2.15 -13.89 -0.65
CA GLY A 520 0.94 -14.69 -0.89
C GLY A 520 0.16 -14.99 0.38
N TYR A 521 0.84 -14.91 1.52
CA TYR A 521 0.25 -15.13 2.82
C TYR A 521 0.51 -13.90 3.69
N ILE A 522 -0.56 -13.18 4.08
CA ILE A 522 -0.46 -11.97 4.93
C ILE A 522 -1.56 -11.93 6.02
N LEU A 523 -1.44 -10.95 6.92
CA LEU A 523 -2.44 -10.67 7.97
C LEU A 523 -2.76 -11.90 8.83
N GLY A 524 -1.70 -12.56 9.28
CA GLY A 524 -1.81 -13.77 10.08
C GLY A 524 -1.68 -15.06 9.29
N ARG A 525 -2.27 -15.09 8.09
CA ARG A 525 -2.40 -16.34 7.34
C ARG A 525 -1.07 -17.04 7.12
N ASP A 526 -1.10 -18.38 7.19
CA ASP A 526 0.08 -19.20 6.96
C ASP A 526 -0.35 -20.66 6.72
N PRO A 527 0.40 -21.39 5.87
CA PRO A 527 0.26 -22.84 5.80
C PRO A 527 0.29 -23.53 7.17
N LYS A 528 1.20 -23.12 8.04
CA LYS A 528 1.23 -23.59 9.43
C LYS A 528 0.02 -23.02 10.20
N PRO A 529 -0.44 -23.74 11.25
CA PRO A 529 -1.52 -23.19 12.08
C PRO A 529 -1.01 -22.19 13.10
N LEU A 530 0.08 -22.51 13.78
CA LEU A 530 0.82 -21.53 14.60
C LEU A 530 2.20 -21.25 13.99
N PRO A 531 2.31 -20.16 13.20
CA PRO A 531 3.63 -19.71 12.82
C PRO A 531 4.24 -18.91 13.98
N PRO A 532 5.58 -18.75 13.97
CA PRO A 532 6.19 -17.85 14.95
C PRO A 532 5.89 -16.41 14.57
N PRO A 533 5.74 -15.53 15.55
CA PRO A 533 5.30 -14.16 15.27
C PRO A 533 6.41 -13.28 14.69
N MET A 534 7.63 -13.47 15.17
CA MET A 534 8.79 -12.74 14.68
C MET A 534 9.39 -13.65 13.63
N LYS A 535 9.44 -13.18 12.39
CA LYS A 535 9.90 -14.00 11.27
C LYS A 535 11.42 -13.85 11.10
N LEU A 536 12.16 -14.63 11.89
CA LEU A 536 13.61 -14.50 12.05
C LEU A 536 14.27 -15.87 12.24
N ASN A 537 15.13 -16.28 11.30
CA ASN A 537 15.76 -17.60 11.34
C ASN A 537 17.18 -17.55 11.92
N LYS A 538 17.78 -18.73 12.05
CA LYS A 538 19.15 -18.88 12.55
C LYS A 538 20.22 -18.26 11.65
N GLU A 539 20.07 -18.50 10.35
CA GLU A 539 21.05 -18.08 9.34
C GLU A 539 21.20 -16.56 9.38
N MET A 540 20.07 -15.87 9.53
CA MET A 540 20.03 -14.41 9.66
C MET A 540 20.84 -13.87 10.83
N VAL A 541 20.76 -14.56 11.97
CA VAL A 541 21.45 -14.14 13.20
C VAL A 541 22.96 -14.34 13.04
N GLU A 542 23.35 -15.49 12.47
CA GLU A 542 24.76 -15.77 12.16
C GLU A 542 25.39 -14.82 11.15
N GLY A 543 24.58 -14.17 10.32
CA GLY A 543 25.04 -13.09 9.44
C GLY A 543 25.51 -11.83 10.17
N MET A 544 24.99 -11.61 11.37
CA MET A 544 25.39 -10.47 12.18
C MET A 544 26.72 -10.75 12.89
N GLY A 545 26.91 -12.02 13.28
CA GLY A 545 28.02 -12.43 14.13
C GLY A 545 27.62 -13.25 15.35
N GLY A 546 26.35 -13.61 15.48
CA GLY A 546 25.85 -14.38 16.63
C GLY A 546 25.22 -13.46 17.66
N THR A 547 24.67 -14.05 18.72
CA THR A 547 23.94 -13.30 19.75
C THR A 547 24.80 -12.41 20.65
N GLN A 548 26.11 -12.65 20.69
CA GLN A 548 27.05 -11.90 21.54
C GLN A 548 27.78 -10.74 20.86
N SER A 549 27.63 -10.61 19.53
CA SER A 549 28.26 -9.53 18.78
C SER A 549 27.63 -8.17 19.09
N GLU A 550 28.40 -7.11 18.87
CA GLU A 550 27.90 -5.74 19.00
C GLU A 550 26.87 -5.43 17.90
N GLN A 551 26.87 -6.22 16.83
CA GLN A 551 25.86 -6.15 15.77
C GLN A 551 24.46 -6.55 16.25
N TYR A 552 24.37 -7.66 16.96
CA TYR A 552 23.08 -8.12 17.50
C TYR A 552 22.51 -7.12 18.52
N GLN A 553 23.38 -6.44 19.29
CA GLN A 553 22.94 -5.36 20.17
C GLN A 553 22.30 -4.23 19.39
N GLU A 554 22.95 -3.87 18.29
CA GLU A 554 22.42 -2.88 17.35
C GLU A 554 21.10 -3.36 16.76
N PHE A 555 21.06 -4.61 16.29
CA PHE A 555 19.84 -5.18 15.69
C PHE A 555 18.60 -5.11 16.58
N ARG A 556 18.75 -5.32 17.89
CA ARG A 556 17.62 -5.16 18.83
C ARG A 556 17.16 -3.72 18.91
N LYS A 557 18.11 -2.81 19.13
CA LYS A 557 17.83 -1.38 19.33
C LYS A 557 17.03 -0.78 18.18
N GLN A 558 17.36 -1.22 16.97
CA GLN A 558 16.66 -0.79 15.77
C GLN A 558 15.23 -1.33 15.78
N CYS A 559 15.05 -2.60 16.12
CA CYS A 559 13.74 -3.24 16.16
C CYS A 559 12.78 -2.52 17.07
N TYR A 560 13.19 -2.35 18.32
CA TYR A 560 12.31 -1.69 19.30
C TYR A 560 12.05 -0.22 18.96
N THR A 561 13.04 0.46 18.38
CA THR A 561 12.88 1.84 17.89
C THR A 561 11.92 1.92 16.68
N ALA A 562 12.09 1.01 15.72
CA ALA A 562 11.22 0.94 14.54
C ALA A 562 9.78 0.61 14.94
N PHE A 563 9.65 -0.36 15.84
CA PHE A 563 8.36 -0.70 16.42
C PHE A 563 7.70 0.52 17.09
N LEU A 564 8.49 1.28 17.85
CA LEU A 564 8.00 2.49 18.52
C LEU A 564 7.56 3.60 17.57
N HIS A 565 8.33 3.86 16.53
CA HIS A 565 8.00 4.90 15.54
C HIS A 565 6.75 4.57 14.75
N LEU A 566 6.61 3.30 14.38
CA LEU A 566 5.46 2.84 13.62
C LEU A 566 4.19 2.87 14.48
N ARG A 567 4.30 2.52 15.75
CA ARG A 567 3.20 2.71 16.69
C ARG A 567 2.63 4.14 16.68
N ARG A 568 3.51 5.11 16.50
CA ARG A 568 3.11 6.51 16.47
C ARG A 568 2.41 6.92 15.17
N TYR A 569 2.36 6.02 14.18
CA TYR A 569 1.51 6.20 13.00
C TYR A 569 0.49 5.06 12.83
N SER A 570 0.10 4.44 13.95
CA SER A 570 -0.85 3.34 13.90
C SER A 570 -2.15 3.81 13.28
N ASN A 571 -2.60 4.98 13.69
CA ASN A 571 -3.86 5.52 13.19
C ASN A 571 -3.89 5.62 11.67
N LEU A 572 -2.80 6.10 11.06
CA LEU A 572 -2.72 6.19 9.61
C LEU A 572 -2.81 4.80 8.97
N ILE A 573 -1.91 3.91 9.35
CA ILE A 573 -1.85 2.57 8.78
C ILE A 573 -3.22 1.86 8.86
N LEU A 574 -3.88 1.98 10.02
CA LEU A 574 -5.16 1.32 10.24
C LEU A 574 -6.31 1.93 9.42
N ASN A 575 -6.35 3.25 9.28
CA ASN A 575 -7.28 3.89 8.36
C ASN A 575 -7.09 3.47 6.92
N LEU A 576 -5.85 3.20 6.51
CA LEU A 576 -5.56 2.72 5.16
C LEU A 576 -6.13 1.31 4.96
N PHE A 577 -5.81 0.40 5.88
CA PHE A 577 -6.37 -0.96 5.84
C PHE A 577 -7.90 -0.98 5.96
N SER A 578 -8.50 0.02 6.63
CA SER A 578 -9.97 0.19 6.65
C SER A 578 -10.55 0.28 5.24
N LEU A 579 -9.89 1.08 4.39
CA LEU A 579 -10.36 1.32 3.03
C LEU A 579 -10.21 0.08 2.14
N MET A 580 -9.27 -0.79 2.47
CA MET A 580 -9.00 -2.01 1.68
C MET A 580 -9.93 -3.22 1.91
N VAL A 581 -10.93 -3.10 2.79
CA VAL A 581 -11.78 -4.26 3.14
C VAL A 581 -12.67 -4.73 1.98
N ASP A 582 -13.16 -3.79 1.19
CA ASP A 582 -14.01 -4.11 0.04
C ASP A 582 -13.21 -4.31 -1.25
N ALA A 583 -11.91 -4.01 -1.21
CA ALA A 583 -10.99 -4.44 -2.28
C ALA A 583 -10.88 -5.96 -2.25
N ASN A 584 -11.04 -6.62 -3.38
CA ASN A 584 -11.09 -8.09 -3.41
C ASN A 584 -9.69 -8.69 -3.34
N ILE A 585 -9.00 -8.43 -2.22
CA ILE A 585 -7.66 -8.93 -1.93
C ILE A 585 -7.89 -10.21 -1.11
N PRO A 586 -7.36 -11.37 -1.56
CA PRO A 586 -7.78 -12.69 -1.01
C PRO A 586 -7.67 -12.90 0.51
N ASP A 587 -6.59 -12.43 1.12
CA ASP A 587 -6.37 -12.59 2.56
C ASP A 587 -7.15 -11.57 3.39
N ILE A 588 -7.64 -10.52 2.76
CA ILE A 588 -8.54 -9.55 3.40
C ILE A 588 -9.99 -10.00 3.24
N ALA A 589 -10.31 -10.61 2.09
CA ALA A 589 -11.67 -11.05 1.79
C ALA A 589 -12.18 -12.22 2.66
N LEU A 590 -11.27 -13.01 3.23
CA LEU A 590 -11.64 -14.10 4.15
C LEU A 590 -12.39 -13.56 5.36
N GLU A 591 -11.78 -12.60 6.06
CA GLU A 591 -12.34 -12.02 7.28
C GLU A 591 -12.24 -10.48 7.28
N PRO A 592 -13.01 -9.81 6.39
CA PRO A 592 -12.84 -8.37 6.18
C PRO A 592 -13.01 -7.50 7.43
N ASP A 593 -14.07 -7.75 8.18
CA ASP A 593 -14.29 -7.10 9.48
C ASP A 593 -13.17 -7.39 10.51
N LYS A 594 -12.67 -8.62 10.54
CA LYS A 594 -11.59 -9.02 11.45
C LYS A 594 -10.17 -8.78 10.89
N THR A 595 -10.04 -8.18 9.71
CA THR A 595 -8.74 -7.88 9.09
C THR A 595 -7.97 -6.81 9.84
N VAL A 596 -8.63 -5.69 10.09
CA VAL A 596 -7.98 -4.51 10.64
C VAL A 596 -7.54 -4.70 12.10
N LYS A 597 -8.23 -5.56 12.85
CA LYS A 597 -7.83 -5.85 14.24
C LYS A 597 -6.51 -6.62 14.25
N LYS A 598 -6.35 -7.55 13.31
CA LYS A 598 -5.13 -8.35 13.19
C LYS A 598 -3.86 -7.51 13.03
N VAL A 599 -3.99 -6.31 12.50
CA VAL A 599 -2.86 -5.37 12.43
C VAL A 599 -2.82 -4.54 13.71
N GLN A 600 -3.93 -3.89 14.03
CA GLN A 600 -4.11 -3.10 15.26
C GLN A 600 -3.51 -3.76 16.49
N ASP A 601 -3.77 -5.06 16.64
CA ASP A 601 -3.32 -5.83 17.79
C ASP A 601 -1.81 -6.06 17.85
N LYS A 602 -1.15 -6.09 16.70
CA LYS A 602 0.31 -6.27 16.66
C LYS A 602 1.09 -5.03 17.13
N PHE A 603 0.47 -3.85 17.08
CA PHE A 603 1.06 -2.62 17.60
C PHE A 603 1.15 -2.62 19.14
N ARG A 604 0.27 -3.41 19.78
CA ARG A 604 0.21 -3.50 21.25
C ARG A 604 0.04 -2.12 21.85
N LEU A 605 -1.08 -1.51 21.49
CA LEU A 605 -1.42 -0.18 21.98
C LEU A 605 -1.90 -0.17 23.44
N ASP A 606 -2.30 -1.34 23.94
CA ASP A 606 -2.46 -1.58 25.38
C ASP A 606 -1.24 -1.21 26.23
N LEU A 607 -0.04 -1.42 25.68
CA LEU A 607 1.22 -1.14 26.37
C LEU A 607 1.63 0.33 26.23
N SER A 608 2.44 0.82 27.17
CA SER A 608 3.12 2.10 27.02
C SER A 608 4.38 1.91 26.16
N ASP A 609 4.99 3.02 25.74
CA ASP A 609 6.21 2.95 24.94
C ASP A 609 7.33 2.19 25.67
N GLU A 610 7.50 2.46 26.96
CA GLU A 610 8.50 1.76 27.77
C GLU A 610 8.23 0.27 27.82
N GLU A 611 6.95 -0.09 27.95
CA GLU A 611 6.51 -1.49 27.96
C GLU A 611 6.64 -2.16 26.60
N ALA A 612 6.31 -1.41 25.54
CA ALA A 612 6.40 -1.91 24.15
C ALA A 612 7.81 -2.32 23.78
N VAL A 613 8.79 -1.54 24.23
CA VAL A 613 10.21 -1.86 24.03
C VAL A 613 10.46 -3.22 24.66
N HIS A 614 10.20 -3.36 25.96
CA HIS A 614 10.47 -4.62 26.66
C HIS A 614 9.70 -5.82 26.10
N TYR A 615 8.55 -5.54 25.48
CA TYR A 615 7.83 -6.54 24.69
C TYR A 615 8.64 -6.96 23.45
N MET A 616 8.91 -5.99 22.56
CA MET A 616 9.64 -6.25 21.32
C MET A 616 10.98 -6.93 21.56
N GLN A 617 11.63 -6.57 22.66
CA GLN A 617 12.87 -7.19 23.07
C GLN A 617 12.65 -8.68 23.30
N SER A 618 11.69 -8.98 24.18
CA SER A 618 11.41 -10.35 24.60
C SER A 618 10.86 -11.21 23.43
N LEU A 619 10.14 -10.57 22.50
CA LEU A 619 9.77 -11.19 21.21
C LEU A 619 10.97 -11.71 20.46
N ILE A 620 11.98 -10.86 20.33
CA ILE A 620 13.21 -11.18 19.62
C ILE A 620 14.02 -12.23 20.36
N ASP A 621 14.04 -12.15 21.69
CA ASP A 621 14.82 -13.08 22.52
C ASP A 621 14.24 -14.48 22.58
N GLU A 622 12.95 -14.58 22.91
CA GLU A 622 12.30 -15.89 22.96
C GLU A 622 12.36 -16.60 21.57
N SER A 623 12.33 -15.83 20.48
CA SER A 623 12.50 -16.37 19.12
C SER A 623 13.90 -16.92 18.89
N VAL A 624 14.91 -16.11 19.19
CA VAL A 624 16.34 -16.48 18.98
C VAL A 624 16.81 -17.61 19.91
N HIS A 625 16.34 -17.60 21.16
CA HIS A 625 16.59 -18.67 22.15
C HIS A 625 16.07 -20.03 21.62
N ALA A 626 14.82 -20.04 21.15
CA ALA A 626 14.19 -21.22 20.52
C ALA A 626 14.99 -21.81 19.36
N LEU A 627 15.69 -20.96 18.59
CA LEU A 627 16.52 -21.42 17.47
C LEU A 627 17.80 -22.18 17.87
N PHE A 628 18.20 -22.08 19.13
CA PHE A 628 19.43 -22.72 19.60
C PHE A 628 19.10 -23.58 20.83
C1 OZ8 B . 12.29 -15.10 -7.53
C2 OZ8 B . 13.77 -14.82 -7.71
C3 OZ8 B . 14.39 -13.80 -7.00
C4 OZ8 B . 15.74 -13.55 -7.16
C5 OZ8 B . 16.49 -14.32 -8.04
C7 OZ8 B . 14.52 -15.60 -8.59
C9 OZ8 B . 11.27 -16.34 -9.45
C6 OZ8 B . 15.87 -15.35 -8.76
C8 OZ8 B . 11.57 -14.97 -8.86
C10 OZ8 B . 9.86 -16.22 -9.99
C11 OZ8 B . 9.17 -15.27 -9.02
N12 OZ8 B . 10.25 -14.39 -8.56
C13 OZ8 B . 9.93 -13.15 -7.98
N14 OZ8 B . 8.74 -12.93 -7.42
C15 OZ8 B . 8.42 -11.75 -6.89
C16 OZ8 B . 9.33 -10.70 -6.89
C17 OZ8 B . 10.60 -10.89 -7.45
C18 OZ8 B . 10.88 -12.12 -8.02
N19 OZ8 B . 11.52 -9.84 -7.54
C20 OZ8 B . 11.08 -8.45 -7.36
C21 OZ8 B . 12.06 -7.78 -6.41
O22 OZ8 B . 13.38 -7.94 -6.91
C23 OZ8 B . 13.78 -9.30 -6.87
C24 OZ8 B . 12.92 -10.12 -7.84
O25 OZ8 B . 7.29 -11.60 -6.37
H12 OZ8 B . 12.15 -16.10 -7.14
H1 OZ8 B . 11.88 -14.38 -6.81
H3 OZ8 B . 13.81 -13.19 -6.31
H4 OZ8 B . 16.22 -12.74 -6.62
H5 OZ8 B . 17.54 -14.13 -8.18
H7 OZ8 B . 14.05 -16.40 -9.14
H9 OZ8 B . 11.95 -16.59 -10.25
H91 OZ8 B . 11.30 -17.13 -8.68
H6 OZ8 B . 16.46 -15.95 -9.44
H8 OZ8 B . 12.19 -14.40 -9.56
H101 OZ8 B . 9.89 -15.82 -11.00
H10 OZ8 B . 9.38 -17.20 -10.00
H11 OZ8 B . 8.74 -15.84 -8.19
H111 OZ8 B . 8.39 -14.71 -9.54
HN14 OZ8 B . 8.04 -13.71 -7.41
H16 OZ8 B . 9.07 -9.75 -6.45
H18 OZ8 B . 11.85 -12.30 -8.46
H201 OZ8 B . 10.08 -8.44 -6.93
H20 OZ8 B . 11.08 -7.94 -8.32
H21 OZ8 B . 11.98 -8.24 -5.43
H211 OZ8 B . 11.82 -6.72 -6.33
H231 OZ8 B . 14.82 -9.39 -7.17
H23 OZ8 B . 13.65 -9.69 -5.87
H24 OZ8 B . 13.15 -9.80 -8.86
H241 OZ8 B . 13.12 -11.18 -7.65
#